data_7YHK
#
_entry.id   7YHK
#
loop_
_entity.id
_entity.type
_entity.pdbx_description
1 polymer '12H5 light chain'
2 polymer '12H5 heavy chain'
3 polymer Hemagglutinin
4 branched 2-acetamido-2-deoxy-beta-D-glucopyranose-(1-4)-2-acetamido-2-deoxy-beta-D-glucopyranose
5 non-polymer 2-acetamido-2-deoxy-beta-D-glucopyranose
#
loop_
_entity_poly.entity_id
_entity_poly.type
_entity_poly.pdbx_seq_one_letter_code
_entity_poly.pdbx_strand_id
1 'polypeptide(L)'
;QIQLVQSGPELKKPGETVRISCKASGYTFTKNGMNWVQQAPGKGLKWVGWINTYTGEPSYADDFKGRFAFSLETSASTAY
LQINNLKNEDMAAYFCARMVRDAMDFWGQGTSVTVSS
;
F
2 'polypeptide(L)'
;DIVLTQSPASLAVSLGQRATISCKASQSVDFDGYNYLNWYQQKPGQPPKLLIYAASNLESGIPARFSGSGSGTDFTLNIH
PVEEEDAATYFCQQSNEDPYTFGGGTKLEIKRA
;
H
3 'polypeptide(L)'
;MLLVNQSHQGFNKEHTSKMVSAIVLYVLLAAAAHSAFAADLGSDTICIGYHANNSTDTVDTVLEKNVTVTHSVNLLEDSH
NGKLCLLKGIAPLQLGNCSVAGWILGNPECESLISKESWSYIVETPNPENGTCYPGYFADYEELREQLSSVSSFERFEIF
PKESSWPKHTVTGVTASCSHNGKSSFYRNLLWLTEKNGLYPNLSNSYVNNKEKEVLVLWGVHHPSNIGDQRAIYHTENAY
VSVVSSHYSRRFTPEIAKRPKVRGQEGRINYYWTLLEPGDTIIFEANGNLIAPWYAFALSRGFGSGIITSNAPMNECDAK
CQTPQGAINSSLPFQNVHPVTIGECPKYVRSTKLRMVTGLRNIPSIQSRGLFGAIAGFIEGGWTGMMDGWYGYHHQNEQG
SGYAADQKSTQNAINGITNKVNSVIEKMNTQFTAVGKEFNKLERRMENLNKKVDDGFLDIWTYNAELLVLLENERTLDFH
DSNVKNLYEKVKSQLKNNAKEIGNGCFEFYHKCNNECMESVKNGTYDYPKYSEESKLNREKIDSGRLVPRGSPGS
;
A
#
# COMPACT_ATOMS: atom_id res chain seq x y z
N GLN A 1 18.85 -5.94 17.93
CA GLN A 1 17.76 -6.78 18.43
C GLN A 1 16.74 -5.87 19.11
N ILE A 2 15.46 -6.29 19.11
CA ILE A 2 14.38 -5.41 19.52
C ILE A 2 14.36 -5.29 21.04
N GLN A 3 14.16 -4.08 21.54
CA GLN A 3 14.07 -3.86 22.98
C GLN A 3 13.25 -2.62 23.25
N LEU A 4 12.44 -2.67 24.30
CA LEU A 4 11.64 -1.53 24.76
C LEU A 4 11.97 -1.31 26.23
N VAL A 5 12.75 -0.27 26.53
CA VAL A 5 13.08 0.07 27.91
C VAL A 5 12.16 1.20 28.36
N GLN A 6 11.75 1.16 29.61
CA GLN A 6 10.81 2.12 30.18
C GLN A 6 11.50 2.99 31.21
N SER A 7 10.70 3.81 31.88
CA SER A 7 11.18 4.60 33.00
C SER A 7 11.17 3.76 34.27
N GLY A 8 11.67 4.35 35.36
CA GLY A 8 11.70 3.68 36.63
C GLY A 8 10.36 3.72 37.33
N PRO A 9 10.28 3.10 38.50
CA PRO A 9 9.03 3.12 39.27
C PRO A 9 8.76 4.50 39.85
N GLU A 10 7.48 4.80 39.99
CA GLU A 10 7.04 6.12 40.43
C GLU A 10 6.20 5.99 41.69
N LEU A 11 6.25 7.01 42.53
CA LEU A 11 5.45 7.07 43.75
C LEU A 11 4.74 8.41 43.79
N LYS A 12 3.41 8.39 43.70
CA LYS A 12 2.61 9.59 43.67
C LYS A 12 1.57 9.53 44.79
N LYS A 13 0.91 10.68 45.01
CA LYS A 13 -0.26 10.90 45.84
C LYS A 13 -1.48 11.02 44.94
N PRO A 14 -2.68 10.59 45.39
CA PRO A 14 -3.87 10.72 44.53
C PRO A 14 -4.29 12.16 44.32
N GLY A 15 -4.05 12.68 43.11
CA GLY A 15 -4.37 14.06 42.79
C GLY A 15 -3.38 14.71 41.85
N GLU A 16 -2.17 14.16 41.74
CA GLU A 16 -1.18 14.66 40.80
C GLU A 16 -1.08 13.70 39.62
N THR A 17 -0.22 14.03 38.65
CA THR A 17 -0.13 13.31 37.38
C THR A 17 1.21 12.59 37.27
N VAL A 18 1.21 11.48 36.54
CA VAL A 18 2.42 10.71 36.26
C VAL A 18 2.60 10.65 34.74
N ARG A 19 3.85 10.45 34.30
CA ARG A 19 4.18 10.33 32.89
C ARG A 19 5.15 9.18 32.72
N ILE A 20 4.75 8.18 31.95
CA ILE A 20 5.54 6.98 31.71
C ILE A 20 6.15 7.07 30.32
N SER A 21 7.39 6.60 30.20
CA SER A 21 8.11 6.61 28.94
C SER A 21 8.34 5.18 28.45
N CYS A 22 8.66 5.06 27.17
CA CYS A 22 8.94 3.75 26.59
C CYS A 22 9.90 3.97 25.42
N LYS A 23 11.19 3.76 25.66
CA LYS A 23 12.22 4.05 24.66
C LYS A 23 12.41 2.81 23.80
N ALA A 24 11.91 2.86 22.57
CA ALA A 24 12.09 1.75 21.64
C ALA A 24 13.47 1.84 20.98
N SER A 25 13.95 0.68 20.53
CA SER A 25 15.24 0.62 19.84
C SER A 25 15.31 -0.66 19.04
N GLY A 26 16.17 -0.66 18.02
CA GLY A 26 16.44 -1.84 17.23
C GLY A 26 15.53 -2.03 16.03
N TYR A 27 14.56 -1.14 15.83
CA TYR A 27 13.63 -1.24 14.72
C TYR A 27 13.11 0.16 14.40
N THR A 28 12.43 0.29 13.27
CA THR A 28 11.89 1.59 12.85
C THR A 28 10.65 1.87 13.68
N PHE A 29 10.58 3.06 14.28
CA PHE A 29 9.55 3.36 15.26
C PHE A 29 8.17 3.42 14.63
N THR A 30 8.03 4.18 13.54
CA THR A 30 6.90 4.01 12.63
C THR A 30 7.07 2.70 11.89
N LYS A 31 5.97 2.22 11.28
CA LYS A 31 5.67 0.88 10.72
C LYS A 31 5.28 -0.12 11.81
N ASN A 32 5.25 0.31 13.08
CA ASN A 32 4.77 -0.57 14.15
C ASN A 32 4.06 0.27 15.21
N GLY A 33 2.90 -0.18 15.64
CA GLY A 33 2.12 0.53 16.64
C GLY A 33 2.67 0.41 18.05
N MET A 34 1.89 0.83 19.05
CA MET A 34 2.37 0.76 20.43
C MET A 34 1.16 0.57 21.34
N ASN A 35 1.00 -0.64 21.87
CA ASN A 35 -0.06 -0.88 22.84
C ASN A 35 0.34 -0.33 24.20
N TRP A 36 -0.63 -0.33 25.11
CA TRP A 36 -0.39 -0.02 26.52
C TRP A 36 -1.26 -0.96 27.33
N VAL A 37 -0.66 -1.82 28.13
CA VAL A 37 -1.37 -2.87 28.86
C VAL A 37 -1.19 -2.61 30.34
N GLN A 38 -2.30 -2.59 31.08
CA GLN A 38 -2.28 -2.33 32.51
C GLN A 38 -2.39 -3.65 33.26
N GLN A 39 -1.35 -4.03 33.97
CA GLN A 39 -1.35 -5.21 34.84
C GLN A 39 -1.55 -4.74 36.28
N ALA A 40 -2.75 -4.97 36.81
CA ALA A 40 -3.01 -4.71 38.22
C ALA A 40 -2.80 -6.02 38.97
N PRO A 41 -1.83 -6.09 39.89
CA PRO A 41 -1.57 -7.37 40.60
C PRO A 41 -2.72 -7.80 41.49
N GLY A 42 -3.37 -8.89 41.11
CA GLY A 42 -4.58 -9.36 41.75
C GLY A 42 -5.82 -9.29 40.89
N LYS A 43 -5.71 -8.74 39.68
CA LYS A 43 -6.86 -8.64 38.77
C LYS A 43 -6.57 -9.14 37.37
N GLY A 44 -5.35 -9.01 36.85
CA GLY A 44 -5.05 -9.46 35.51
C GLY A 44 -4.80 -8.31 34.56
N LEU A 45 -4.44 -8.68 33.33
CA LEU A 45 -4.09 -7.69 32.32
C LEU A 45 -5.34 -7.02 31.77
N LYS A 46 -5.18 -5.73 31.42
CA LYS A 46 -6.24 -4.96 30.79
C LYS A 46 -5.63 -4.08 29.72
N TRP A 47 -6.39 -3.86 28.66
CA TRP A 47 -5.91 -3.12 27.49
C TRP A 47 -6.30 -1.66 27.63
N VAL A 48 -5.32 -0.79 27.84
CA VAL A 48 -5.59 0.64 27.92
C VAL A 48 -5.95 1.19 26.55
N GLY A 49 -5.05 1.03 25.59
CA GLY A 49 -5.31 1.45 24.23
C GLY A 49 -4.16 1.22 23.29
N TRP A 50 -4.19 1.89 22.16
CA TRP A 50 -3.20 1.72 21.10
C TRP A 50 -2.97 3.08 20.47
N ILE A 51 -1.71 3.38 20.13
CA ILE A 51 -1.38 4.61 19.44
C ILE A 51 -0.67 4.27 18.14
N ASN A 52 -1.15 4.85 17.05
CA ASN A 52 -0.49 4.72 15.76
C ASN A 52 0.77 5.57 15.79
N THR A 53 1.91 4.98 15.45
CA THR A 53 3.15 5.73 15.47
C THR A 53 3.34 6.50 14.17
N TYR A 54 2.77 6.00 13.07
CA TYR A 54 2.84 6.71 11.80
C TYR A 54 1.88 7.90 11.78
N THR A 55 0.64 7.68 12.24
CA THR A 55 -0.35 8.74 12.18
C THR A 55 -0.26 9.65 13.40
N GLY A 56 -0.15 9.08 14.59
CA GLY A 56 -0.31 9.84 15.81
C GLY A 56 -1.70 9.75 16.41
N GLU A 57 -2.55 8.92 15.87
CA GLU A 57 -3.94 8.88 16.29
C GLU A 57 -4.14 7.83 17.38
N PRO A 58 -4.52 8.24 18.58
CA PRO A 58 -4.74 7.25 19.65
C PRO A 58 -6.14 6.65 19.54
N SER A 59 -6.31 5.53 20.23
CA SER A 59 -7.59 4.84 20.31
C SER A 59 -7.66 4.17 21.67
N TYR A 60 -8.59 4.62 22.50
CA TYR A 60 -8.68 4.16 23.87
C TYR A 60 -9.89 3.25 24.05
N ALA A 61 -9.85 2.44 25.10
CA ALA A 61 -11.07 1.81 25.57
C ALA A 61 -11.86 2.81 26.40
N ASP A 62 -13.15 2.53 26.58
CA ASP A 62 -14.02 3.51 27.25
C ASP A 62 -13.75 3.58 28.75
N ASP A 63 -13.21 2.51 29.33
CA ASP A 63 -12.85 2.56 30.75
C ASP A 63 -11.59 3.38 30.98
N PHE A 64 -10.82 3.64 29.93
CA PHE A 64 -9.59 4.43 30.02
C PHE A 64 -9.70 5.73 29.25
N LYS A 65 -10.91 6.13 28.85
CA LYS A 65 -11.12 7.38 28.14
C LYS A 65 -11.29 8.54 29.12
N GLY A 66 -10.61 9.64 28.85
CA GLY A 66 -10.79 10.85 29.62
C GLY A 66 -9.60 11.23 30.48
N ARG A 67 -9.00 10.25 31.14
CA ARG A 67 -7.83 10.48 31.97
C ARG A 67 -6.54 10.05 31.28
N PHE A 68 -6.52 8.83 30.75
CA PHE A 68 -5.34 8.30 30.09
C PHE A 68 -5.20 8.94 28.71
N ALA A 69 -3.98 9.39 28.39
CA ALA A 69 -3.72 10.04 27.11
C ALA A 69 -2.33 9.65 26.63
N PHE A 70 -2.26 9.11 25.43
CA PHE A 70 -1.00 8.72 24.83
C PHE A 70 -0.38 9.89 24.08
N SER A 71 0.94 9.85 23.94
CA SER A 71 1.68 10.87 23.23
C SER A 71 2.83 10.20 22.49
N LEU A 72 3.50 10.96 21.63
CA LEU A 72 4.59 10.44 20.82
C LEU A 72 5.79 11.36 20.89
N GLU A 73 6.95 10.80 20.54
CA GLU A 73 8.15 11.58 20.24
C GLU A 73 8.91 10.80 19.19
N THR A 74 8.52 10.96 17.94
CA THR A 74 9.10 10.11 16.92
C THR A 74 10.44 10.54 16.45
N SER A 75 10.92 11.68 16.91
CA SER A 75 12.24 12.14 16.55
C SER A 75 13.17 11.13 17.12
N ALA A 76 12.89 10.70 18.35
CA ALA A 76 13.66 9.62 18.92
C ALA A 76 12.65 8.50 18.80
N SER A 77 12.87 7.40 19.47
CA SER A 77 11.86 6.35 19.47
C SER A 77 11.31 6.26 20.89
N THR A 78 10.34 7.11 21.21
CA THR A 78 9.81 7.17 22.57
C THR A 78 8.31 7.41 22.52
N ALA A 79 7.55 6.59 23.25
CA ALA A 79 6.12 6.78 23.41
C ALA A 79 5.82 7.11 24.87
N TYR A 80 4.74 7.86 25.09
CA TYR A 80 4.41 8.36 26.42
C TYR A 80 2.97 8.02 26.78
N LEU A 81 2.74 7.84 28.08
CA LEU A 81 1.40 7.63 28.63
C LEU A 81 1.25 8.52 29.85
N GLN A 82 0.30 9.44 29.81
CA GLN A 82 0.08 10.38 30.90
C GLN A 82 -1.32 10.18 31.46
N ILE A 83 -1.42 10.10 32.78
CA ILE A 83 -2.69 9.93 33.48
C ILE A 83 -3.00 11.24 34.20
N ASN A 84 -4.24 11.72 34.04
CA ASN A 84 -4.63 13.04 34.53
C ASN A 84 -6.00 12.93 35.17
N ASN A 85 -6.08 12.75 36.49
CA ASN A 85 -4.93 12.52 37.38
C ASN A 85 -5.20 11.23 38.15
N LEU A 86 -4.18 10.75 38.87
CA LEU A 86 -4.23 9.41 39.45
C LEU A 86 -5.22 9.35 40.61
N LYS A 87 -6.05 8.31 40.60
CA LYS A 87 -6.83 7.96 41.77
C LYS A 87 -6.06 6.93 42.60
N ASN A 88 -6.70 6.41 43.65
CA ASN A 88 -6.11 5.29 44.37
C ASN A 88 -6.43 3.97 43.68
N GLU A 89 -7.33 4.01 42.71
CA GLU A 89 -7.44 2.97 41.69
C GLU A 89 -6.32 3.23 40.68
N ASP A 90 -6.18 2.35 39.67
CA ASP A 90 -5.08 2.23 38.71
C ASP A 90 -3.69 2.35 39.34
N MET A 91 -3.53 1.77 40.53
CA MET A 91 -2.23 1.51 41.13
C MET A 91 -1.81 0.16 40.59
N ALA A 92 -0.95 0.18 39.58
CA ALA A 92 -0.71 -1.02 38.77
C ALA A 92 0.65 -0.92 38.10
N ALA A 93 0.96 -1.94 37.30
CA ALA A 93 2.10 -1.93 36.40
C ALA A 93 1.62 -1.62 34.99
N TYR A 94 2.48 -0.98 34.21
CA TYR A 94 2.10 -0.50 32.89
C TYR A 94 3.14 -0.96 31.88
N PHE A 95 2.74 -1.85 30.97
CA PHE A 95 3.62 -2.34 29.93
C PHE A 95 3.31 -1.64 28.61
N CYS A 96 4.36 -1.33 27.86
CA CYS A 96 4.24 -0.86 26.50
C CYS A 96 4.65 -2.00 25.58
N ALA A 97 3.81 -2.31 24.60
CA ALA A 97 4.03 -3.45 23.74
C ALA A 97 3.87 -3.04 22.28
N ARG A 98 4.19 -3.94 21.38
CA ARG A 98 4.36 -3.63 19.97
C ARG A 98 3.40 -4.44 19.12
N MET A 99 2.75 -3.78 18.15
CA MET A 99 1.88 -4.46 17.19
C MET A 99 2.72 -5.01 16.05
N VAL A 100 2.63 -6.32 15.79
CA VAL A 100 3.26 -6.88 14.60
C VAL A 100 2.21 -7.57 13.74
N ARG A 101 1.47 -8.50 14.33
CA ARG A 101 0.46 -9.20 13.58
C ARG A 101 -0.72 -9.29 14.48
N ASP A 102 -1.41 -8.22 14.73
CA ASP A 102 -2.54 -8.10 15.67
C ASP A 102 -2.22 -8.62 17.07
N ALA A 103 -0.98 -8.40 17.51
CA ALA A 103 -0.49 -9.05 18.72
C ALA A 103 0.45 -8.11 19.44
N MET A 104 0.97 -8.58 20.58
CA MET A 104 1.87 -7.81 21.43
C MET A 104 3.08 -8.68 21.72
N ASP A 105 4.07 -8.67 20.83
CA ASP A 105 5.15 -9.64 20.97
C ASP A 105 6.32 -9.14 21.81
N PHE A 106 6.70 -7.87 21.67
CA PHE A 106 7.83 -7.31 22.41
C PHE A 106 7.30 -6.33 23.43
N TRP A 107 7.49 -6.64 24.72
CA TRP A 107 6.92 -5.88 25.80
C TRP A 107 8.02 -5.07 26.50
N GLY A 108 7.62 -4.26 27.48
CA GLY A 108 8.54 -3.47 28.25
C GLY A 108 8.88 -4.13 29.58
N GLN A 109 9.76 -3.47 30.32
CA GLN A 109 10.20 -4.01 31.60
C GLN A 109 9.18 -3.80 32.71
N GLY A 110 8.17 -2.97 32.49
CA GLY A 110 7.17 -2.71 33.50
C GLY A 110 7.47 -1.49 34.32
N THR A 111 6.47 -0.64 34.54
CA THR A 111 6.62 0.59 35.31
C THR A 111 5.65 0.51 36.49
N SER A 112 6.18 0.19 37.66
CA SER A 112 5.36 0.03 38.85
C SER A 112 4.98 1.40 39.39
N VAL A 113 3.75 1.81 39.14
CA VAL A 113 3.24 3.08 39.64
C VAL A 113 2.49 2.80 40.93
N THR A 114 3.02 3.32 42.04
CA THR A 114 2.41 3.14 43.35
C THR A 114 1.80 4.47 43.78
N VAL A 115 0.55 4.42 44.23
CA VAL A 115 -0.20 5.61 44.62
C VAL A 115 -0.32 5.62 46.13
N SER A 116 0.36 6.57 46.76
CA SER A 116 0.35 6.67 48.21
C SER A 116 -0.19 8.03 48.65
N ASP B 1 -18.43 -6.11 24.38
CA ASP B 1 -17.06 -6.60 24.48
C ASP B 1 -17.03 -8.12 24.51
N ILE B 2 -16.12 -8.72 23.73
CA ILE B 2 -15.93 -10.16 23.74
C ILE B 2 -15.25 -10.53 25.05
N VAL B 3 -15.97 -11.22 25.93
CA VAL B 3 -15.42 -11.66 27.20
C VAL B 3 -14.96 -13.11 27.05
N LEU B 4 -13.75 -13.39 27.51
CA LEU B 4 -13.17 -14.72 27.37
C LEU B 4 -12.99 -15.33 28.75
N THR B 5 -13.39 -16.60 28.88
CA THR B 5 -13.35 -17.31 30.15
C THR B 5 -12.34 -18.44 30.04
N GLN B 6 -11.23 -18.33 30.76
CA GLN B 6 -10.26 -19.41 30.84
C GLN B 6 -10.86 -20.61 31.56
N SER B 7 -10.36 -21.80 31.22
CA SER B 7 -10.79 -23.02 31.88
C SER B 7 -9.62 -23.98 31.83
N PRO B 8 -9.19 -24.54 32.98
CA PRO B 8 -9.75 -24.36 34.32
C PRO B 8 -9.18 -23.12 35.01
N ALA B 9 -9.36 -23.02 36.32
CA ALA B 9 -8.77 -21.91 37.06
C ALA B 9 -7.26 -22.04 37.09
N SER B 10 -6.76 -23.19 37.55
CA SER B 10 -5.35 -23.55 37.43
C SER B 10 -5.25 -25.05 37.54
N LEU B 11 -4.32 -25.64 36.80
CA LEU B 11 -4.26 -27.09 36.62
C LEU B 11 -2.99 -27.64 37.28
N ALA B 12 -3.13 -28.84 37.86
CA ALA B 12 -2.01 -29.54 38.46
C ALA B 12 -1.45 -30.53 37.44
N VAL B 13 -0.14 -30.45 37.21
CA VAL B 13 0.54 -31.17 36.13
C VAL B 13 1.89 -31.65 36.67
N SER B 14 2.26 -32.88 36.34
CA SER B 14 3.61 -33.36 36.61
C SER B 14 4.43 -33.36 35.33
N LEU B 15 5.74 -33.54 35.48
CA LEU B 15 6.64 -33.51 34.33
C LEU B 15 6.42 -34.74 33.47
N GLY B 16 6.00 -34.51 32.22
CA GLY B 16 5.60 -35.55 31.31
C GLY B 16 4.11 -35.66 31.08
N GLN B 17 3.32 -34.81 31.72
CA GLN B 17 1.88 -34.79 31.53
C GLN B 17 1.52 -34.03 30.27
N ARG B 18 0.23 -33.98 29.97
CA ARG B 18 -0.31 -33.14 28.91
C ARG B 18 -1.21 -32.08 29.53
N ALA B 19 -0.75 -30.83 29.52
CA ALA B 19 -1.48 -29.71 30.08
C ALA B 19 -2.36 -29.10 29.00
N THR B 20 -3.66 -29.02 29.28
CA THR B 20 -4.62 -28.44 28.34
C THR B 20 -5.24 -27.21 28.98
N ILE B 21 -4.94 -26.03 28.44
CA ILE B 21 -5.51 -24.77 28.87
C ILE B 21 -6.47 -24.29 27.78
N SER B 22 -7.70 -23.96 28.17
CA SER B 22 -8.74 -23.63 27.22
C SER B 22 -9.41 -22.32 27.60
N CYS B 23 -9.82 -21.56 26.58
CA CYS B 23 -10.64 -20.37 26.80
C CYS B 23 -11.69 -20.27 25.70
N LYS B 24 -12.90 -19.89 26.09
CA LYS B 24 -14.07 -19.87 25.22
C LYS B 24 -14.62 -18.45 25.18
N ALA B 25 -14.62 -17.85 24.00
CA ALA B 25 -15.09 -16.48 23.84
C ALA B 25 -16.60 -16.43 23.79
N SER B 26 -17.15 -15.26 24.12
CA SER B 26 -18.61 -15.09 24.10
C SER B 26 -19.12 -14.97 22.67
N GLN B 27 -18.48 -14.11 21.87
CA GLN B 27 -18.77 -14.01 20.45
C GLN B 27 -17.69 -14.73 19.66
N SER B 28 -17.80 -14.65 18.33
CA SER B 28 -16.80 -15.26 17.47
C SER B 28 -15.67 -14.28 17.22
N VAL B 29 -14.44 -14.81 17.22
CA VAL B 29 -13.26 -13.96 17.09
C VAL B 29 -12.55 -14.27 15.77
N ASP B 30 -13.30 -14.74 14.79
CA ASP B 30 -12.75 -14.96 13.46
C ASP B 30 -13.50 -14.13 12.43
N PHE B 31 -12.80 -13.82 11.34
CA PHE B 31 -13.39 -13.12 10.22
C PHE B 31 -12.61 -13.53 9.00
N ASP B 32 -13.30 -14.07 7.99
CA ASP B 32 -12.72 -14.55 6.73
C ASP B 32 -11.71 -15.67 6.98
N GLY B 33 -12.02 -16.55 7.93
CA GLY B 33 -11.18 -17.68 8.22
C GLY B 33 -9.88 -17.37 8.92
N TYR B 34 -9.80 -16.24 9.63
CA TYR B 34 -8.61 -15.86 10.40
C TYR B 34 -9.05 -15.70 11.84
N ASN B 35 -8.73 -16.69 12.67
CA ASN B 35 -8.99 -16.63 14.11
C ASN B 35 -8.03 -15.62 14.73
N TYR B 36 -8.58 -14.61 15.41
CA TYR B 36 -7.74 -13.61 16.07
C TYR B 36 -7.64 -13.91 17.56
N LEU B 37 -6.93 -14.98 17.90
CA LEU B 37 -6.73 -15.34 19.30
C LEU B 37 -5.26 -15.60 19.57
N ASN B 38 -4.65 -14.78 20.42
CA ASN B 38 -3.25 -14.90 20.77
C ASN B 38 -3.11 -15.51 22.16
N TRP B 39 -1.99 -16.21 22.39
CA TRP B 39 -1.73 -16.87 23.65
C TRP B 39 -0.44 -16.34 24.26
N TYR B 40 -0.50 -15.94 25.52
CA TYR B 40 0.61 -15.30 26.22
C TYR B 40 1.02 -16.09 27.45
N GLN B 41 2.28 -15.98 27.81
CA GLN B 41 2.85 -16.63 28.99
C GLN B 41 3.56 -15.59 29.84
N GLN B 42 3.22 -15.52 31.12
CA GLN B 42 3.81 -14.55 32.04
C GLN B 42 4.40 -15.26 33.24
N LYS B 43 5.71 -15.23 33.37
CA LYS B 43 6.32 -15.58 34.64
C LYS B 43 6.24 -14.38 35.59
N PRO B 44 6.08 -14.61 36.90
CA PRO B 44 5.89 -13.48 37.83
C PRO B 44 7.14 -12.62 37.95
N GLY B 45 6.93 -11.31 37.99
CA GLY B 45 8.02 -10.37 37.97
C GLY B 45 8.60 -10.10 36.61
N GLN B 46 7.86 -10.40 35.55
CA GLN B 46 8.34 -10.32 34.18
C GLN B 46 7.18 -9.93 33.29
N PRO B 47 7.45 -9.35 32.12
CA PRO B 47 6.38 -9.08 31.17
C PRO B 47 5.87 -10.37 30.56
N PRO B 48 4.62 -10.39 30.07
CA PRO B 48 4.14 -11.57 29.33
C PRO B 48 4.90 -11.77 28.03
N LYS B 49 4.84 -13.00 27.53
CA LYS B 49 5.60 -13.41 26.36
C LYS B 49 4.64 -14.05 25.37
N LEU B 50 4.67 -13.57 24.12
CA LEU B 50 3.79 -14.11 23.10
C LEU B 50 4.32 -15.47 22.66
N LEU B 51 3.46 -16.48 22.70
CA LEU B 51 3.80 -17.83 22.26
C LEU B 51 3.19 -18.16 20.92
N ILE B 52 1.87 -18.07 20.82
CA ILE B 52 1.11 -18.51 19.66
C ILE B 52 0.24 -17.36 19.20
N TYR B 53 0.37 -16.96 17.95
CA TYR B 53 -0.41 -15.87 17.40
C TYR B 53 -1.41 -16.42 16.39
N ALA B 54 -2.69 -16.32 16.74
CA ALA B 54 -3.82 -16.22 15.82
C ALA B 54 -3.92 -17.38 14.83
N ALA B 55 -4.26 -18.58 15.31
CA ALA B 55 -4.53 -18.99 16.69
C ALA B 55 -3.77 -20.28 16.88
N SER B 56 -3.03 -20.65 15.84
CA SER B 56 -2.24 -21.86 15.79
C SER B 56 -0.81 -21.65 15.34
N ASN B 57 -0.48 -20.48 14.79
CA ASN B 57 0.89 -20.23 14.38
C ASN B 57 1.77 -19.99 15.58
N LEU B 58 2.92 -20.65 15.60
CA LEU B 58 3.88 -20.54 16.69
C LEU B 58 4.92 -19.48 16.35
N GLU B 59 5.23 -18.61 17.31
CA GLU B 59 6.18 -17.55 17.07
C GLU B 59 7.60 -18.10 17.09
N SER B 60 8.48 -17.49 16.31
CA SER B 60 9.89 -17.90 16.28
C SER B 60 10.57 -17.53 17.60
N GLY B 61 11.29 -18.48 18.16
CA GLY B 61 11.89 -18.33 19.47
C GLY B 61 11.19 -19.08 20.58
N ILE B 62 10.12 -19.78 20.26
CA ILE B 62 9.34 -20.55 21.23
C ILE B 62 9.55 -22.03 20.93
N PRO B 63 9.80 -22.87 21.94
CA PRO B 63 9.98 -24.30 21.68
C PRO B 63 8.72 -24.97 21.15
N ALA B 64 8.92 -25.99 20.31
CA ALA B 64 7.85 -26.60 19.54
C ALA B 64 6.94 -27.52 20.35
N ARG B 65 7.15 -27.64 21.66
CA ARG B 65 6.23 -28.40 22.49
C ARG B 65 4.90 -27.68 22.70
N PHE B 66 4.88 -26.37 22.50
CA PHE B 66 3.64 -25.60 22.56
C PHE B 66 2.89 -25.72 21.25
N SER B 67 1.60 -26.00 21.32
CA SER B 67 0.75 -26.01 20.15
C SER B 67 -0.67 -25.70 20.57
N GLY B 68 -1.34 -24.88 19.77
CA GLY B 68 -2.71 -24.51 20.06
C GLY B 68 -3.55 -24.64 18.81
N SER B 69 -4.84 -24.88 19.02
CA SER B 69 -5.77 -25.05 17.90
C SER B 69 -7.16 -24.68 18.37
N GLY B 70 -8.10 -24.69 17.43
CA GLY B 70 -9.46 -24.28 17.69
C GLY B 70 -9.95 -23.29 16.65
N SER B 71 -11.26 -23.11 16.54
CA SER B 71 -11.83 -22.17 15.60
C SER B 71 -13.18 -21.72 16.12
N GLY B 72 -13.57 -20.51 15.72
CA GLY B 72 -14.86 -19.98 16.12
C GLY B 72 -14.81 -19.33 17.48
N THR B 73 -15.27 -20.03 18.51
CA THR B 73 -15.25 -19.52 19.87
C THR B 73 -14.43 -20.37 20.83
N ASP B 74 -14.14 -21.62 20.49
CA ASP B 74 -13.48 -22.55 21.40
C ASP B 74 -12.05 -22.79 20.95
N PHE B 75 -11.10 -22.52 21.84
CA PHE B 75 -9.69 -22.71 21.58
C PHE B 75 -9.02 -23.38 22.76
N THR B 76 -8.00 -24.18 22.49
CA THR B 76 -7.23 -24.86 23.53
C THR B 76 -5.75 -24.64 23.31
N LEU B 77 -5.00 -24.66 24.41
CA LEU B 77 -3.55 -24.65 24.39
C LEU B 77 -3.06 -25.96 25.00
N ASN B 78 -2.23 -26.70 24.27
CA ASN B 78 -1.76 -28.01 24.69
C ASN B 78 -0.25 -27.99 24.83
N ILE B 79 0.23 -28.41 26.00
CA ILE B 79 1.66 -28.46 26.31
C ILE B 79 2.02 -29.89 26.64
N HIS B 80 2.88 -30.50 25.81
CA HIS B 80 3.49 -31.80 26.03
C HIS B 80 4.76 -31.94 25.18
N PRO B 81 5.88 -32.41 25.77
CA PRO B 81 6.08 -32.77 27.18
C PRO B 81 6.37 -31.58 28.08
N VAL B 82 5.71 -31.54 29.24
CA VAL B 82 5.80 -30.39 30.13
C VAL B 82 7.13 -30.38 30.86
N GLU B 83 8.04 -29.50 30.45
CA GLU B 83 9.31 -29.32 31.13
C GLU B 83 9.07 -28.50 32.40
N GLU B 84 10.11 -28.35 33.23
CA GLU B 84 9.91 -27.73 34.53
C GLU B 84 9.88 -26.20 34.44
N GLU B 85 10.43 -25.63 33.39
CA GLU B 85 10.54 -24.18 33.24
C GLU B 85 9.24 -23.52 32.79
N ASP B 86 8.14 -24.26 32.69
CA ASP B 86 6.85 -23.72 32.27
C ASP B 86 5.98 -23.33 33.46
N ALA B 87 6.57 -22.98 34.60
CA ALA B 87 5.81 -22.57 35.77
C ALA B 87 5.45 -21.10 35.63
N ALA B 88 4.33 -20.84 34.94
CA ALA B 88 3.94 -19.47 34.64
C ALA B 88 2.42 -19.38 34.62
N THR B 89 1.91 -18.21 34.24
CA THR B 89 0.48 -17.97 34.11
C THR B 89 0.18 -17.71 32.64
N TYR B 90 -0.92 -18.29 32.14
CA TYR B 90 -1.21 -18.31 30.72
C TYR B 90 -2.48 -17.54 30.42
N PHE B 91 -2.37 -16.59 29.48
CA PHE B 91 -3.47 -15.72 29.08
C PHE B 91 -3.79 -15.95 27.61
N CYS B 92 -5.06 -15.82 27.27
CA CYS B 92 -5.48 -15.78 25.87
C CYS B 92 -6.10 -14.42 25.61
N GLN B 93 -5.90 -13.90 24.40
CA GLN B 93 -6.25 -12.52 24.10
C GLN B 93 -6.81 -12.43 22.69
N GLN B 94 -7.95 -11.77 22.54
CA GLN B 94 -8.56 -11.62 21.23
C GLN B 94 -8.11 -10.33 20.57
N SER B 95 -8.11 -10.32 19.24
CA SER B 95 -7.77 -9.13 18.48
C SER B 95 -8.80 -8.82 17.40
N ASN B 96 -10.02 -9.32 17.56
CA ASN B 96 -11.04 -9.16 16.53
C ASN B 96 -11.65 -7.76 16.57
N GLU B 97 -12.31 -7.43 17.67
CA GLU B 97 -12.96 -6.15 17.84
C GLU B 97 -12.30 -5.34 18.94
N ASP B 98 -12.26 -4.02 18.74
CA ASP B 98 -11.76 -3.15 19.80
C ASP B 98 -12.83 -2.97 20.87
N PRO B 99 -12.46 -2.98 22.15
CA PRO B 99 -11.13 -3.11 22.74
C PRO B 99 -10.65 -4.55 22.83
N TYR B 100 -9.34 -4.74 22.89
CA TYR B 100 -8.79 -6.09 23.01
C TYR B 100 -9.03 -6.61 24.41
N THR B 101 -9.31 -7.89 24.53
CA THR B 101 -9.69 -8.46 25.81
C THR B 101 -8.85 -9.68 26.12
N PHE B 102 -8.35 -9.75 27.35
CA PHE B 102 -7.54 -10.86 27.81
C PHE B 102 -8.41 -11.88 28.54
N GLY B 103 -7.76 -12.96 28.96
CA GLY B 103 -8.40 -13.97 29.78
C GLY B 103 -8.29 -13.66 31.25
N GLY B 104 -8.47 -14.70 32.05
CA GLY B 104 -8.34 -14.56 33.50
C GLY B 104 -7.03 -15.10 34.02
N GLY B 105 -6.40 -15.96 33.24
CA GLY B 105 -5.13 -16.52 33.65
C GLY B 105 -5.28 -17.94 34.15
N THR B 106 -4.18 -18.69 34.09
CA THR B 106 -4.17 -20.08 34.54
C THR B 106 -2.73 -20.42 34.92
N LYS B 107 -2.52 -20.74 36.20
CA LYS B 107 -1.18 -21.07 36.69
C LYS B 107 -0.86 -22.52 36.33
N LEU B 108 0.27 -22.73 35.69
CA LEU B 108 0.77 -24.07 35.42
C LEU B 108 1.82 -24.41 36.48
N GLU B 109 1.38 -25.04 37.57
CA GLU B 109 2.29 -25.53 38.60
C GLU B 109 2.69 -26.97 38.31
N ILE B 110 3.97 -27.25 38.49
CA ILE B 110 4.55 -28.54 38.17
C ILE B 110 4.91 -29.24 39.47
N LYS B 111 4.53 -30.51 39.58
CA LYS B 111 4.74 -31.32 40.78
C LYS B 111 6.22 -31.49 41.15
N ASN C 54 42.88 22.67 -38.15
CA ASN C 54 42.05 23.33 -37.14
C ASN C 54 41.56 22.33 -36.10
N SER C 55 40.27 22.01 -36.15
CA SER C 55 39.66 21.11 -35.18
C SER C 55 39.70 19.67 -35.68
N THR C 56 39.17 18.75 -34.88
CA THR C 56 39.22 17.32 -35.17
C THR C 56 37.83 16.71 -35.32
N ASP C 57 36.78 17.53 -35.35
CA ASP C 57 35.43 16.99 -35.54
C ASP C 57 35.24 16.49 -36.97
N THR C 58 34.42 15.46 -37.11
CA THR C 58 34.24 14.78 -38.38
C THR C 58 32.76 14.58 -38.68
N VAL C 59 32.46 14.39 -39.97
CA VAL C 59 31.10 14.19 -40.45
C VAL C 59 31.07 12.92 -41.31
N ASP C 60 29.86 12.41 -41.53
CA ASP C 60 29.62 11.28 -42.42
C ASP C 60 28.77 11.74 -43.60
N THR C 61 28.99 11.12 -44.75
CA THR C 61 28.36 11.54 -45.99
C THR C 61 27.78 10.29 -46.66
N VAL C 62 27.24 10.45 -47.87
CA VAL C 62 26.57 9.33 -48.56
C VAL C 62 27.59 8.32 -49.05
N LEU C 63 28.59 8.78 -49.81
CA LEU C 63 29.57 7.88 -50.40
C LEU C 63 30.74 7.60 -49.48
N GLU C 64 31.34 8.64 -48.91
CA GLU C 64 32.51 8.50 -48.06
C GLU C 64 32.12 8.84 -46.62
N LYS C 65 32.88 8.35 -45.66
CA LYS C 65 32.61 8.67 -44.27
C LYS C 65 33.85 9.16 -43.54
N ASN C 66 33.68 9.61 -42.30
CA ASN C 66 34.81 10.12 -41.51
C ASN C 66 35.56 11.25 -42.19
N VAL C 67 34.84 12.17 -42.81
CA VAL C 67 35.47 13.29 -43.49
C VAL C 67 35.90 14.36 -42.50
N THR C 68 37.20 14.63 -42.42
CA THR C 68 37.70 15.64 -41.51
C THR C 68 37.33 17.03 -42.02
N VAL C 69 36.68 17.82 -41.16
CA VAL C 69 36.15 19.13 -41.54
C VAL C 69 36.61 20.17 -40.53
N THR C 70 36.12 21.40 -40.70
CA THR C 70 36.57 22.50 -39.86
C THR C 70 35.56 22.85 -38.77
N HIS C 71 34.27 22.68 -39.03
CA HIS C 71 33.24 23.04 -38.07
C HIS C 71 32.09 22.05 -38.18
N SER C 72 31.36 21.89 -37.08
CA SER C 72 30.24 20.95 -37.05
C SER C 72 29.28 21.34 -35.93
N VAL C 73 28.02 20.97 -36.11
CA VAL C 73 26.98 21.16 -35.11
C VAL C 73 26.45 19.79 -34.74
N ASN C 74 26.52 19.46 -33.44
CA ASN C 74 26.07 18.16 -32.96
C ASN C 74 24.57 18.23 -32.70
N LEU C 75 23.80 17.41 -33.39
CA LEU C 75 22.34 17.43 -33.28
C LEU C 75 21.82 16.37 -32.32
N LEU C 76 22.68 15.80 -31.48
CA LEU C 76 22.29 14.76 -30.53
C LEU C 76 22.60 15.20 -29.11
N GLU C 77 21.58 15.24 -28.28
CA GLU C 77 21.74 15.37 -26.84
C GLU C 77 21.73 13.96 -26.26
N ASP C 78 22.89 13.49 -25.82
CA ASP C 78 23.02 12.13 -25.34
C ASP C 78 23.17 12.04 -23.83
N SER C 79 23.20 13.17 -23.12
CA SER C 79 23.42 13.18 -21.69
C SER C 79 22.19 13.71 -20.96
N HIS C 80 22.13 13.41 -19.67
CA HIS C 80 20.97 13.72 -18.83
C HIS C 80 21.40 13.72 -17.38
N ASN C 81 20.79 14.59 -16.57
CA ASN C 81 20.95 14.48 -15.12
C ASN C 81 20.02 13.40 -14.59
N GLY C 82 20.59 12.34 -14.03
CA GLY C 82 19.82 11.16 -13.70
C GLY C 82 18.89 11.29 -12.51
N LYS C 83 17.95 12.23 -12.58
CA LYS C 83 17.04 12.54 -11.48
C LYS C 83 15.67 12.90 -12.05
N LEU C 84 14.67 12.89 -11.19
CA LEU C 84 13.30 13.26 -11.60
C LEU C 84 12.99 14.69 -11.16
N CYS C 85 13.41 15.63 -11.98
CA CYS C 85 13.19 17.02 -11.65
C CYS C 85 11.77 17.44 -12.03
N LEU C 86 11.41 18.68 -11.68
CA LEU C 86 10.06 19.18 -11.92
C LEU C 86 9.85 19.46 -13.40
N LEU C 87 8.58 19.63 -13.79
CA LEU C 87 8.28 19.72 -15.21
C LEU C 87 8.26 21.16 -15.72
N LYS C 88 7.45 22.03 -15.10
CA LYS C 88 7.70 23.46 -15.19
C LYS C 88 7.96 24.07 -13.82
N GLY C 89 6.98 24.00 -12.92
CA GLY C 89 7.18 24.23 -11.51
C GLY C 89 6.36 23.24 -10.72
N ILE C 90 5.54 22.47 -11.45
CA ILE C 90 4.58 21.56 -10.84
C ILE C 90 5.23 20.21 -10.64
N ALA C 91 5.26 19.76 -9.39
CA ALA C 91 5.92 18.54 -8.98
C ALA C 91 5.16 17.32 -9.47
N PRO C 92 5.86 16.23 -9.80
CA PRO C 92 5.18 15.02 -10.26
C PRO C 92 4.53 14.27 -9.11
N LEU C 93 3.80 13.23 -9.48
CA LEU C 93 3.27 12.28 -8.51
C LEU C 93 4.23 11.11 -8.41
N GLN C 94 4.63 10.78 -7.19
CA GLN C 94 5.63 9.75 -6.94
C GLN C 94 4.98 8.66 -6.11
N LEU C 95 4.60 7.56 -6.77
CA LEU C 95 3.90 6.48 -6.08
C LEU C 95 4.82 5.74 -5.13
N GLY C 96 6.10 5.59 -5.48
CA GLY C 96 7.04 4.95 -4.57
C GLY C 96 6.82 3.46 -4.56
N ASN C 97 6.55 2.90 -3.39
CA ASN C 97 6.29 1.47 -3.30
C ASN C 97 4.82 1.17 -3.44
N CYS C 98 4.16 1.69 -4.46
CA CYS C 98 2.75 1.49 -4.72
C CYS C 98 2.53 1.26 -6.20
N SER C 99 1.52 0.48 -6.54
CA SER C 99 1.12 0.30 -7.91
C SER C 99 0.16 1.42 -8.31
N VAL C 100 -0.30 1.39 -9.56
CA VAL C 100 -1.47 2.19 -9.90
C VAL C 100 -2.69 1.63 -9.20
N ALA C 101 -2.78 0.30 -9.10
CA ALA C 101 -3.93 -0.36 -8.49
C ALA C 101 -3.97 -0.12 -6.98
N GLY C 102 -2.81 0.04 -6.36
CA GLY C 102 -2.81 0.33 -4.94
C GLY C 102 -3.10 1.77 -4.62
N TRP C 103 -3.02 2.65 -5.63
CA TRP C 103 -3.16 4.08 -5.40
C TRP C 103 -4.62 4.51 -5.51
N ILE C 104 -5.36 3.97 -6.49
CA ILE C 104 -6.75 4.36 -6.65
C ILE C 104 -7.65 3.54 -5.75
N LEU C 105 -7.28 2.29 -5.46
CA LEU C 105 -8.00 1.54 -4.43
C LEU C 105 -7.69 2.07 -3.05
N GLY C 106 -6.62 2.83 -2.89
CA GLY C 106 -6.31 3.44 -1.62
C GLY C 106 -5.74 2.44 -0.65
N ASN C 107 -4.55 1.94 -0.94
CA ASN C 107 -3.89 0.97 -0.07
C ASN C 107 -3.62 1.58 1.30
N PRO C 108 -3.63 0.78 2.37
CA PRO C 108 -3.30 1.33 3.70
C PRO C 108 -1.86 1.79 3.83
N GLU C 109 -0.96 1.30 2.99
CA GLU C 109 0.43 1.73 2.99
C GLU C 109 0.71 2.82 1.97
N CYS C 110 -0.31 3.30 1.25
CA CYS C 110 -0.15 4.40 0.32
C CYS C 110 -1.03 5.56 0.73
N GLU C 111 -1.01 5.91 2.01
CA GLU C 111 -1.85 6.98 2.53
C GLU C 111 -1.26 8.35 2.23
N SER C 112 0.05 8.45 2.00
CA SER C 112 0.68 9.74 1.75
C SER C 112 0.37 10.31 0.38
N LEU C 113 -0.23 9.53 -0.52
CA LEU C 113 -0.62 10.02 -1.84
C LEU C 113 -2.08 10.40 -1.92
N ILE C 114 -2.86 10.18 -0.85
CA ILE C 114 -4.25 10.57 -0.81
C ILE C 114 -4.41 12.09 -0.84
N SER C 115 -3.49 12.81 -0.20
CA SER C 115 -3.54 14.26 -0.10
C SER C 115 -3.22 14.98 -1.41
N LYS C 116 -2.51 14.32 -2.34
CA LYS C 116 -2.03 14.97 -3.56
C LYS C 116 -3.04 14.73 -4.67
N GLU C 117 -3.51 15.81 -5.30
CA GLU C 117 -4.57 15.73 -6.30
C GLU C 117 -4.24 16.49 -7.58
N SER C 118 -3.00 16.91 -7.77
CA SER C 118 -2.58 17.54 -9.01
C SER C 118 -1.11 17.26 -9.21
N TRP C 119 -0.73 16.94 -10.45
CA TRP C 119 0.63 16.51 -10.72
C TRP C 119 0.99 16.85 -12.15
N SER C 120 2.27 16.67 -12.47
CA SER C 120 2.78 16.78 -13.83
C SER C 120 2.80 15.44 -14.54
N TYR C 121 3.24 14.40 -13.85
CA TYR C 121 3.25 13.04 -14.38
C TYR C 121 3.27 12.10 -13.21
N ILE C 122 3.01 10.82 -13.48
CA ILE C 122 2.97 9.77 -12.47
C ILE C 122 4.22 8.92 -12.62
N VAL C 123 4.91 8.69 -11.51
CA VAL C 123 6.15 7.91 -11.49
C VAL C 123 5.89 6.62 -10.74
N GLU C 124 5.96 5.51 -11.45
CA GLU C 124 5.80 4.19 -10.84
C GLU C 124 7.16 3.51 -10.80
N THR C 125 7.40 2.75 -9.74
CA THR C 125 8.68 2.07 -9.74
C THR C 125 8.55 0.71 -10.44
N PRO C 126 9.61 0.21 -11.07
CA PRO C 126 9.54 -1.15 -11.61
C PRO C 126 9.50 -2.17 -10.48
N ASN C 127 8.63 -3.18 -10.66
CA ASN C 127 8.23 -4.15 -9.65
C ASN C 127 7.76 -3.49 -8.36
N PRO C 128 6.53 -2.85 -8.39
CA PRO C 128 6.07 -2.14 -7.21
C PRO C 128 5.34 -3.02 -6.24
N GLU C 129 5.87 -3.11 -5.04
CA GLU C 129 5.32 -4.00 -4.03
C GLU C 129 3.98 -3.83 -3.38
N ASN C 130 3.55 -2.63 -3.06
CA ASN C 130 2.29 -2.51 -2.34
C ASN C 130 1.17 -2.08 -3.26
N GLY C 131 0.27 -2.96 -3.66
CA GLY C 131 -0.89 -2.60 -4.43
C GLY C 131 -1.72 -3.82 -4.35
N THR C 132 -3.02 -3.77 -4.55
CA THR C 132 -3.89 -4.94 -4.39
C THR C 132 -3.48 -5.87 -3.26
N CYS C 133 -3.70 -5.45 -2.03
CA CYS C 133 -3.26 -6.20 -0.85
C CYS C 133 -4.10 -7.44 -0.61
N TYR C 134 -5.40 -7.38 -0.86
CA TYR C 134 -6.21 -8.59 -0.88
C TYR C 134 -6.11 -9.20 -2.27
N PRO C 135 -5.80 -10.49 -2.40
CA PRO C 135 -5.58 -11.06 -3.73
C PRO C 135 -6.85 -11.13 -4.56
N GLY C 136 -6.69 -11.05 -5.86
CA GLY C 136 -7.84 -11.11 -6.76
C GLY C 136 -7.53 -10.45 -8.07
N TYR C 137 -8.48 -10.58 -8.99
CA TYR C 137 -8.37 -10.01 -10.32
C TYR C 137 -8.60 -8.49 -10.25
N PHE C 138 -8.34 -7.82 -11.38
CA PHE C 138 -8.67 -6.41 -11.51
C PHE C 138 -9.19 -6.26 -12.93
N ALA C 139 -10.51 -6.11 -13.07
CA ALA C 139 -11.14 -6.13 -14.37
C ALA C 139 -10.77 -4.89 -15.17
N ASP C 140 -10.11 -5.10 -16.32
CA ASP C 140 -9.56 -4.06 -17.19
C ASP C 140 -8.63 -3.14 -16.42
N TYR C 141 -7.58 -3.73 -15.83
CA TYR C 141 -6.61 -2.93 -15.10
C TYR C 141 -5.71 -2.16 -16.04
N GLU C 142 -5.29 -2.78 -17.13
CA GLU C 142 -4.43 -2.12 -18.10
C GLU C 142 -5.17 -1.09 -18.93
N GLU C 143 -6.48 -1.23 -19.04
CA GLU C 143 -7.32 -0.23 -19.68
C GLU C 143 -7.51 0.99 -18.80
N LEU C 144 -7.56 0.81 -17.48
CA LEU C 144 -7.69 1.93 -16.56
C LEU C 144 -6.40 2.74 -16.47
N ARG C 145 -5.25 2.09 -16.68
CA ARG C 145 -3.99 2.82 -16.71
C ARG C 145 -3.89 3.71 -17.94
N GLU C 146 -4.61 3.36 -19.01
CA GLU C 146 -4.67 4.23 -20.18
C GLU C 146 -5.58 5.42 -19.92
N GLN C 147 -6.59 5.24 -19.07
CA GLN C 147 -7.45 6.36 -18.69
C GLN C 147 -6.72 7.34 -17.79
N LEU C 148 -5.96 6.83 -16.83
CA LEU C 148 -5.23 7.64 -15.87
C LEU C 148 -3.93 8.21 -16.43
N SER C 149 -3.62 7.95 -17.69
CA SER C 149 -2.46 8.53 -18.35
C SER C 149 -2.80 9.84 -19.05
N SER C 150 -4.00 10.37 -18.83
CA SER C 150 -4.40 11.65 -19.39
C SER C 150 -5.05 12.50 -18.31
N VAL C 151 -5.32 11.87 -17.16
CA VAL C 151 -5.87 12.60 -16.04
C VAL C 151 -4.78 13.42 -15.38
N SER C 152 -5.03 14.73 -15.26
CA SER C 152 -4.05 15.63 -14.66
C SER C 152 -4.49 16.18 -13.31
N SER C 153 -5.71 15.90 -12.87
CA SER C 153 -6.20 16.39 -11.59
C SER C 153 -7.29 15.45 -11.09
N PHE C 154 -7.42 15.39 -9.78
CA PHE C 154 -8.47 14.63 -9.12
C PHE C 154 -9.45 15.56 -8.42
N GLU C 155 -10.49 14.95 -7.89
CA GLU C 155 -11.22 15.48 -6.75
C GLU C 155 -11.74 14.26 -5.98
N ARG C 156 -10.97 13.83 -4.99
CA ARG C 156 -11.33 12.67 -4.19
C ARG C 156 -12.46 13.04 -3.26
N PHE C 157 -13.67 12.55 -3.55
CA PHE C 157 -14.85 12.83 -2.76
C PHE C 157 -15.52 11.52 -2.41
N GLU C 158 -16.48 11.57 -1.50
CA GLU C 158 -17.25 10.39 -1.12
C GLU C 158 -18.48 10.29 -2.01
N ILE C 159 -18.65 9.16 -2.69
CA ILE C 159 -19.95 8.88 -3.29
C ILE C 159 -20.95 8.50 -2.21
N PHE C 160 -20.67 7.43 -1.48
CA PHE C 160 -21.56 6.88 -0.46
C PHE C 160 -20.89 7.11 0.89
N PRO C 161 -21.26 8.22 1.60
CA PRO C 161 -20.59 8.54 2.84
C PRO C 161 -20.86 7.62 3.98
N LYS C 162 -19.85 7.05 4.58
CA LYS C 162 -20.01 6.08 5.64
C LYS C 162 -20.61 6.81 6.76
N GLU C 163 -21.26 6.07 7.65
CA GLU C 163 -21.93 6.69 8.81
C GLU C 163 -23.03 7.57 8.39
N SER C 164 -23.77 7.14 7.39
CA SER C 164 -24.87 7.90 6.88
C SER C 164 -25.33 7.26 5.65
N SER C 165 -24.50 6.41 5.05
CA SER C 165 -24.94 5.99 3.72
C SER C 165 -25.44 4.56 3.70
N TRP C 166 -24.93 3.71 4.58
CA TRP C 166 -25.29 2.30 4.66
C TRP C 166 -25.90 2.03 6.04
N PRO C 167 -27.20 2.26 6.22
CA PRO C 167 -27.85 1.76 7.42
C PRO C 167 -28.09 0.26 7.30
N LYS C 168 -28.36 -0.36 8.44
CA LYS C 168 -28.58 -1.80 8.62
C LYS C 168 -27.39 -2.66 8.22
N HIS C 169 -26.19 -2.09 8.09
CA HIS C 169 -24.97 -2.81 7.80
C HIS C 169 -23.85 -2.23 8.64
N THR C 170 -22.82 -3.03 8.88
CA THR C 170 -21.61 -2.58 9.55
C THR C 170 -20.49 -2.46 8.53
N VAL C 171 -19.73 -1.36 8.61
CA VAL C 171 -18.70 -1.05 7.65
C VAL C 171 -17.31 -1.34 8.19
N THR C 172 -17.21 -2.08 9.29
CA THR C 172 -15.94 -2.38 9.94
C THR C 172 -15.49 -3.78 9.51
N GLY C 173 -15.04 -3.88 8.27
CA GLY C 173 -14.50 -5.13 7.78
C GLY C 173 -13.04 -4.98 7.45
N VAL C 174 -12.16 -5.61 8.25
CA VAL C 174 -10.73 -5.47 8.09
C VAL C 174 -10.13 -6.84 7.84
N THR C 175 -9.07 -6.88 7.04
CA THR C 175 -8.39 -8.12 6.70
C THR C 175 -6.91 -8.00 7.05
N ALA C 176 -6.29 -9.14 7.32
CA ALA C 176 -4.90 -9.17 7.76
C ALA C 176 -3.90 -9.09 6.63
N SER C 177 -4.36 -9.05 5.38
CA SER C 177 -3.45 -8.88 4.26
C SER C 177 -3.13 -7.41 4.02
N CYS C 178 -4.04 -6.52 4.40
CA CYS C 178 -3.89 -5.08 4.24
C CYS C 178 -3.54 -4.41 5.56
N SER C 179 -2.68 -5.04 6.36
CA SER C 179 -2.41 -4.55 7.70
C SER C 179 -1.54 -3.30 7.67
N HIS C 180 -1.87 -2.35 8.53
CA HIS C 180 -1.17 -1.07 8.62
C HIS C 180 -0.78 -0.84 10.07
N ASN C 181 0.54 -0.70 10.32
CA ASN C 181 1.13 -0.54 11.65
C ASN C 181 0.75 -1.69 12.59
N GLY C 182 0.88 -2.91 12.09
CA GLY C 182 0.61 -4.09 12.87
C GLY C 182 -0.84 -4.47 12.98
N LYS C 183 -1.77 -3.52 12.98
CA LYS C 183 -3.19 -3.81 13.07
C LYS C 183 -3.74 -4.06 11.66
N SER C 184 -4.65 -5.02 11.55
CA SER C 184 -5.28 -5.31 10.27
C SER C 184 -6.19 -4.17 9.86
N SER C 185 -6.17 -3.84 8.57
CA SER C 185 -6.92 -2.71 8.05
C SER C 185 -7.53 -3.12 6.72
N PHE C 186 -8.05 -2.14 5.98
CA PHE C 186 -8.61 -2.36 4.66
C PHE C 186 -8.32 -1.12 3.83
N TYR C 187 -8.76 -1.13 2.58
CA TYR C 187 -8.53 -0.04 1.64
C TYR C 187 -9.18 1.26 2.12
N ARG C 188 -8.60 2.37 1.71
CA ARG C 188 -9.08 3.68 2.11
C ARG C 188 -10.22 4.19 1.25
N ASN C 189 -10.46 3.58 0.09
CA ASN C 189 -11.50 4.02 -0.83
C ASN C 189 -12.60 3.00 -1.01
N LEU C 190 -12.63 1.94 -0.21
CA LEU C 190 -13.62 0.88 -0.34
C LEU C 190 -14.10 0.49 1.05
N LEU C 191 -15.32 -0.01 1.12
CA LEU C 191 -15.92 -0.45 2.38
C LEU C 191 -16.36 -1.90 2.26
N TRP C 192 -15.91 -2.73 3.20
CA TRP C 192 -16.34 -4.11 3.29
C TRP C 192 -17.55 -4.13 4.20
N LEU C 193 -18.73 -4.30 3.63
CA LEU C 193 -19.95 -4.33 4.41
C LEU C 193 -20.15 -5.71 5.01
N THR C 194 -20.52 -5.78 6.25
CA THR C 194 -20.69 -7.07 6.92
C THR C 194 -22.11 -7.10 7.52
N GLU C 195 -22.40 -7.98 8.45
CA GLU C 195 -23.72 -8.10 9.05
C GLU C 195 -23.92 -7.03 10.12
N LYS C 196 -25.18 -6.78 10.46
CA LYS C 196 -25.55 -5.97 11.60
C LYS C 196 -26.72 -6.65 12.30
N ASN C 197 -26.56 -6.89 13.61
CA ASN C 197 -27.52 -7.62 14.46
C ASN C 197 -27.79 -9.03 13.93
N GLY C 198 -26.80 -9.65 13.29
CA GLY C 198 -26.98 -10.98 12.76
C GLY C 198 -27.81 -11.06 11.51
N LEU C 199 -28.00 -9.95 10.79
CA LEU C 199 -28.76 -9.93 9.56
C LEU C 199 -27.99 -9.17 8.50
N TYR C 200 -27.96 -9.70 7.28
CA TYR C 200 -27.44 -8.99 6.11
C TYR C 200 -28.60 -8.77 5.15
N PRO C 201 -29.31 -7.61 5.27
CA PRO C 201 -30.38 -7.47 4.28
C PRO C 201 -29.93 -6.94 2.93
N ASN C 202 -30.87 -6.82 1.98
CA ASN C 202 -30.54 -6.33 0.66
C ASN C 202 -30.21 -4.85 0.70
N LEU C 203 -29.39 -4.39 -0.23
CA LEU C 203 -29.01 -2.98 -0.27
C LEU C 203 -29.39 -2.30 -1.57
N SER C 204 -29.46 -0.97 -1.56
CA SER C 204 -29.76 -0.21 -2.76
C SER C 204 -29.30 1.22 -2.54
N ASN C 205 -28.44 1.70 -3.42
CA ASN C 205 -28.02 3.10 -3.35
C ASN C 205 -27.71 3.62 -4.75
N SER C 206 -28.19 4.83 -5.02
CA SER C 206 -27.99 5.54 -6.26
C SER C 206 -27.02 6.68 -6.04
N TYR C 207 -26.52 7.22 -7.14
CA TYR C 207 -25.71 8.43 -7.09
C TYR C 207 -25.83 9.16 -8.42
N VAL C 208 -26.40 10.36 -8.40
CA VAL C 208 -26.54 11.18 -9.60
C VAL C 208 -25.32 12.09 -9.69
N ASN C 209 -24.69 12.12 -10.87
CA ASN C 209 -23.44 12.84 -11.06
C ASN C 209 -23.66 14.35 -11.14
N ASN C 210 -23.51 15.05 -10.02
CA ASN C 210 -23.64 16.50 -9.98
C ASN C 210 -22.31 17.22 -10.20
N LYS C 211 -21.22 16.49 -10.44
CA LYS C 211 -19.90 17.08 -10.38
C LYS C 211 -19.46 17.76 -11.67
N GLU C 212 -20.29 17.73 -12.71
CA GLU C 212 -20.03 18.24 -14.06
C GLU C 212 -18.79 17.64 -14.71
N LYS C 213 -18.35 16.45 -14.28
CA LYS C 213 -17.16 15.81 -14.79
C LYS C 213 -17.35 14.30 -14.72
N GLU C 214 -16.44 13.57 -15.34
CA GLU C 214 -16.47 12.12 -15.25
C GLU C 214 -16.10 11.68 -13.84
N VAL C 215 -16.79 10.65 -13.35
CA VAL C 215 -16.56 10.15 -12.00
C VAL C 215 -16.14 8.70 -12.14
N LEU C 216 -14.95 8.37 -11.64
CA LEU C 216 -14.47 7.00 -11.67
C LEU C 216 -14.94 6.28 -10.40
N VAL C 217 -15.87 5.35 -10.56
CA VAL C 217 -16.43 4.58 -9.46
C VAL C 217 -15.68 3.26 -9.38
N LEU C 218 -15.36 2.83 -8.18
CA LEU C 218 -14.63 1.59 -7.95
C LEU C 218 -15.35 0.75 -6.89
N TRP C 219 -15.47 -0.55 -7.15
CA TRP C 219 -16.06 -1.46 -6.18
C TRP C 219 -15.38 -2.82 -6.31
N GLY C 220 -15.89 -3.79 -5.56
CA GLY C 220 -15.33 -5.12 -5.57
C GLY C 220 -16.35 -6.14 -5.11
N VAL C 221 -16.13 -7.39 -5.53
CA VAL C 221 -17.00 -8.52 -5.17
C VAL C 221 -16.13 -9.56 -4.48
N HIS C 222 -16.57 -9.99 -3.29
CA HIS C 222 -15.81 -10.98 -2.53
C HIS C 222 -16.11 -12.39 -3.04
N HIS C 223 -15.06 -13.18 -3.18
CA HIS C 223 -15.16 -14.58 -3.58
C HIS C 223 -14.56 -15.44 -2.48
N PRO C 224 -15.37 -16.00 -1.59
CA PRO C 224 -14.81 -16.71 -0.42
C PRO C 224 -14.12 -18.02 -0.75
N SER C 225 -13.66 -18.72 0.28
CA SER C 225 -12.97 -19.99 0.11
C SER C 225 -13.77 -21.18 0.61
N ASN C 226 -14.64 -21.00 1.59
CA ASN C 226 -15.52 -22.05 2.07
C ASN C 226 -16.95 -21.60 1.86
N ILE C 227 -17.88 -22.54 2.00
CA ILE C 227 -19.29 -22.22 2.09
C ILE C 227 -19.70 -21.96 3.53
N GLY C 228 -18.90 -22.40 4.49
CA GLY C 228 -19.09 -22.05 5.89
C GLY C 228 -18.56 -20.69 6.25
N ASP C 229 -17.84 -20.06 5.33
CA ASP C 229 -17.39 -18.68 5.48
C ASP C 229 -18.32 -17.70 4.75
N GLN C 230 -18.93 -18.15 3.65
CA GLN C 230 -19.95 -17.37 2.98
C GLN C 230 -21.19 -17.21 3.85
N ARG C 231 -21.55 -18.25 4.60
CA ARG C 231 -22.71 -18.16 5.48
C ARG C 231 -22.38 -17.36 6.74
N ALA C 232 -21.11 -17.30 7.12
CA ALA C 232 -20.75 -16.64 8.36
C ALA C 232 -20.73 -15.12 8.22
N ILE C 233 -20.39 -14.63 7.02
CA ILE C 233 -20.31 -13.19 6.79
C ILE C 233 -21.62 -12.64 6.23
N TYR C 234 -22.13 -13.27 5.17
CA TYR C 234 -23.23 -12.71 4.40
C TYR C 234 -24.56 -13.40 4.61
N HIS C 235 -24.58 -14.55 5.29
CA HIS C 235 -25.75 -15.32 5.69
C HIS C 235 -26.60 -15.82 4.52
N THR C 236 -26.07 -15.83 3.30
CA THR C 236 -26.78 -16.31 2.13
C THR C 236 -25.80 -17.08 1.26
N GLU C 237 -26.27 -18.08 0.53
CA GLU C 237 -25.36 -18.89 -0.27
C GLU C 237 -25.44 -18.53 -1.74
N ASN C 238 -26.60 -18.09 -2.20
CA ASN C 238 -26.78 -17.64 -3.58
C ASN C 238 -26.95 -16.13 -3.58
N ALA C 239 -25.82 -15.42 -3.60
CA ALA C 239 -25.80 -13.98 -3.54
C ALA C 239 -25.50 -13.39 -4.91
N TYR C 240 -25.77 -12.10 -5.06
CA TYR C 240 -25.53 -11.42 -6.32
C TYR C 240 -25.14 -9.98 -6.03
N VAL C 241 -24.47 -9.38 -7.02
CA VAL C 241 -24.21 -7.94 -7.05
C VAL C 241 -24.62 -7.47 -8.43
N SER C 242 -25.47 -6.45 -8.50
CA SER C 242 -25.92 -5.91 -9.78
C SER C 242 -25.65 -4.41 -9.79
N VAL C 243 -24.71 -3.99 -10.62
CA VAL C 243 -24.33 -2.60 -10.76
C VAL C 243 -24.79 -2.12 -12.13
N VAL C 244 -25.86 -1.35 -12.17
CA VAL C 244 -26.45 -0.89 -13.41
C VAL C 244 -26.29 0.62 -13.51
N SER C 245 -26.37 1.11 -14.74
CA SER C 245 -26.27 2.53 -15.04
C SER C 245 -27.07 2.81 -16.30
N SER C 246 -26.83 3.97 -16.91
CA SER C 246 -27.50 4.28 -18.16
C SER C 246 -26.91 3.50 -19.33
N HIS C 247 -25.59 3.40 -19.41
CA HIS C 247 -24.91 2.69 -20.48
C HIS C 247 -23.98 1.63 -19.93
N TYR C 248 -24.33 1.06 -18.78
CA TYR C 248 -23.56 0.02 -18.13
C TYR C 248 -24.54 -0.87 -17.38
N SER C 249 -24.33 -2.17 -17.47
CA SER C 249 -25.17 -3.14 -16.77
C SER C 249 -24.40 -4.44 -16.64
N ARG C 250 -24.17 -4.87 -15.42
CA ARG C 250 -23.47 -6.13 -15.19
C ARG C 250 -23.95 -6.73 -13.88
N ARG C 251 -24.00 -8.06 -13.84
CA ARG C 251 -24.44 -8.80 -12.67
C ARG C 251 -23.33 -9.76 -12.27
N PHE C 252 -22.95 -9.73 -11.00
CA PHE C 252 -21.83 -10.52 -10.50
C PHE C 252 -22.36 -11.58 -9.55
N THR C 253 -21.68 -12.73 -9.53
CA THR C 253 -22.08 -13.87 -8.71
C THR C 253 -20.78 -14.45 -8.15
N PRO C 254 -20.72 -14.70 -6.84
CA PRO C 254 -19.48 -15.22 -6.25
C PRO C 254 -19.18 -16.65 -6.69
N GLU C 255 -17.90 -16.99 -6.62
CA GLU C 255 -17.40 -18.32 -6.98
C GLU C 255 -16.61 -18.84 -5.79
N ILE C 256 -17.22 -19.76 -5.04
CA ILE C 256 -16.63 -20.29 -3.82
C ILE C 256 -15.75 -21.48 -4.21
N ALA C 257 -14.43 -21.32 -4.04
CA ALA C 257 -13.47 -22.36 -4.34
C ALA C 257 -12.23 -22.14 -3.48
N LYS C 258 -11.48 -23.20 -3.24
CA LYS C 258 -10.27 -23.09 -2.44
C LYS C 258 -9.07 -22.85 -3.35
N ARG C 259 -8.39 -21.74 -3.13
CA ARG C 259 -7.33 -21.23 -3.99
C ARG C 259 -5.99 -21.53 -3.34
N PRO C 260 -4.89 -21.47 -4.10
CA PRO C 260 -3.58 -21.40 -3.47
C PRO C 260 -3.44 -20.12 -2.66
N LYS C 261 -2.66 -20.21 -1.59
CA LYS C 261 -2.51 -19.10 -0.65
C LYS C 261 -1.66 -18.01 -1.27
N VAL C 262 -2.29 -16.87 -1.59
CA VAL C 262 -1.60 -15.66 -1.99
C VAL C 262 -1.82 -14.64 -0.90
N ARG C 263 -0.72 -14.19 -0.28
CA ARG C 263 -0.70 -13.28 0.87
C ARG C 263 -1.49 -13.82 2.05
N GLY C 264 -1.58 -15.14 2.20
CA GLY C 264 -2.23 -15.76 3.33
C GLY C 264 -3.69 -16.09 3.14
N GLN C 265 -4.31 -15.64 2.06
CA GLN C 265 -5.75 -15.81 1.87
C GLN C 265 -6.03 -16.81 0.76
N GLU C 266 -7.02 -17.66 0.98
CA GLU C 266 -7.52 -18.57 -0.03
C GLU C 266 -8.80 -18.07 -0.69
N GLY C 267 -9.21 -16.83 -0.43
CA GLY C 267 -10.33 -16.22 -1.09
C GLY C 267 -9.88 -14.99 -1.86
N ARG C 268 -10.72 -14.58 -2.80
CA ARG C 268 -10.35 -13.52 -3.73
C ARG C 268 -11.37 -12.40 -3.66
N ILE C 269 -10.93 -11.21 -4.08
CA ILE C 269 -11.80 -10.06 -4.30
C ILE C 269 -11.48 -9.52 -5.69
N ASN C 270 -12.45 -9.55 -6.60
CA ASN C 270 -12.25 -9.02 -7.94
C ASN C 270 -12.70 -7.56 -7.97
N TYR C 271 -11.84 -6.69 -8.46
CA TYR C 271 -12.08 -5.25 -8.43
C TYR C 271 -12.57 -4.79 -9.79
N TYR C 272 -13.62 -3.99 -9.79
CA TYR C 272 -14.24 -3.49 -11.01
C TYR C 272 -14.23 -1.97 -11.00
N TRP C 273 -14.50 -1.38 -12.15
CA TRP C 273 -14.58 0.07 -12.26
C TRP C 273 -15.50 0.44 -13.41
N THR C 274 -15.90 1.71 -13.42
CA THR C 274 -16.68 2.29 -14.51
C THR C 274 -16.42 3.78 -14.50
N LEU C 275 -16.95 4.47 -15.51
CA LEU C 275 -16.79 5.92 -15.65
C LEU C 275 -18.17 6.54 -15.83
N LEU C 276 -18.64 7.24 -14.80
CA LEU C 276 -19.94 7.89 -14.86
C LEU C 276 -19.88 9.12 -15.76
N GLU C 277 -20.90 9.31 -16.53
CA GLU C 277 -20.94 10.53 -17.32
C GLU C 277 -21.51 11.67 -16.49
N PRO C 278 -21.28 12.92 -16.86
CA PRO C 278 -21.96 14.02 -16.16
C PRO C 278 -23.46 13.99 -16.36
N GLY C 279 -24.20 14.04 -15.25
CA GLY C 279 -25.63 13.94 -15.26
C GLY C 279 -26.18 12.54 -15.16
N ASP C 280 -25.34 11.55 -14.91
CA ASP C 280 -25.72 10.15 -14.98
C ASP C 280 -25.83 9.52 -13.60
N THR C 281 -26.54 8.39 -13.55
CA THR C 281 -26.89 7.71 -12.31
C THR C 281 -26.35 6.29 -12.33
N ILE C 282 -25.75 5.85 -11.23
CA ILE C 282 -25.31 4.48 -11.03
C ILE C 282 -26.04 3.92 -9.83
N ILE C 283 -26.51 2.69 -9.94
CA ILE C 283 -27.37 2.08 -8.94
C ILE C 283 -26.74 0.78 -8.47
N PHE C 284 -26.30 0.75 -7.23
CA PHE C 284 -25.74 -0.46 -6.63
C PHE C 284 -26.82 -1.24 -5.93
N GLU C 285 -26.75 -2.56 -6.03
CA GLU C 285 -27.78 -3.44 -5.47
C GLU C 285 -27.15 -4.80 -5.24
N ALA C 286 -27.33 -5.34 -4.05
CA ALA C 286 -26.66 -6.59 -3.72
C ALA C 286 -27.45 -7.34 -2.66
N ASN C 287 -27.27 -8.65 -2.66
CA ASN C 287 -27.72 -9.54 -1.61
C ASN C 287 -26.59 -9.94 -0.68
N GLY C 288 -25.34 -9.78 -1.12
CA GLY C 288 -24.17 -10.15 -0.35
C GLY C 288 -22.95 -9.91 -1.19
N ASN C 289 -21.79 -10.18 -0.58
CA ASN C 289 -20.49 -10.23 -1.24
C ASN C 289 -20.09 -8.90 -1.88
N LEU C 290 -20.50 -7.77 -1.31
CA LEU C 290 -20.19 -6.46 -1.89
C LEU C 290 -19.14 -5.75 -1.05
N ILE C 291 -18.05 -5.36 -1.70
CA ILE C 291 -17.09 -4.41 -1.14
C ILE C 291 -17.46 -3.06 -1.75
N ALA C 292 -18.06 -2.21 -0.94
CA ALA C 292 -18.83 -1.08 -1.42
C ALA C 292 -17.95 0.13 -1.67
N PRO C 293 -18.33 1.01 -2.60
CA PRO C 293 -17.55 2.24 -2.82
C PRO C 293 -17.65 3.26 -1.67
N TRP C 294 -16.49 3.69 -1.20
CA TRP C 294 -16.45 4.79 -0.26
C TRP C 294 -16.12 6.10 -0.96
N TYR C 295 -14.96 6.16 -1.59
CA TYR C 295 -14.48 7.38 -2.23
C TYR C 295 -14.40 7.20 -3.73
N ALA C 296 -14.47 8.32 -4.46
CA ALA C 296 -14.31 8.30 -5.89
C ALA C 296 -13.71 9.62 -6.35
N PHE C 297 -13.52 9.74 -7.65
CA PHE C 297 -12.65 10.76 -8.23
C PHE C 297 -13.35 11.44 -9.39
N ALA C 298 -13.49 12.76 -9.30
CA ALA C 298 -13.96 13.56 -10.43
C ALA C 298 -12.76 13.86 -11.32
N LEU C 299 -12.80 13.36 -12.55
CA LEU C 299 -11.63 13.30 -13.41
C LEU C 299 -11.49 14.57 -14.24
N SER C 300 -10.30 15.17 -14.18
CA SER C 300 -9.97 16.35 -14.97
C SER C 300 -8.87 15.98 -15.95
N ARG C 301 -9.18 16.03 -17.23
CA ARG C 301 -8.32 15.49 -18.28
C ARG C 301 -7.30 16.53 -18.74
N GLY C 302 -6.09 16.07 -19.00
CA GLY C 302 -5.03 16.93 -19.49
C GLY C 302 -4.38 16.32 -20.70
N PHE C 303 -3.62 17.16 -21.42
CA PHE C 303 -3.03 16.70 -22.67
C PHE C 303 -1.60 16.19 -22.47
N GLY C 304 -0.75 16.97 -21.81
CA GLY C 304 0.61 16.52 -21.59
C GLY C 304 0.83 15.90 -20.23
N SER C 305 0.80 14.57 -20.18
CA SER C 305 0.93 13.81 -18.94
C SER C 305 1.34 12.39 -19.32
N GLY C 306 1.31 11.48 -18.35
CA GLY C 306 1.62 10.10 -18.62
C GLY C 306 2.22 9.43 -17.41
N ILE C 307 2.26 8.11 -17.48
CA ILE C 307 2.84 7.27 -16.44
C ILE C 307 4.19 6.78 -16.94
N ILE C 308 5.26 7.17 -16.26
CA ILE C 308 6.60 6.67 -16.56
C ILE C 308 7.01 5.69 -15.48
N THR C 309 7.90 4.78 -15.84
CA THR C 309 8.43 3.78 -14.92
C THR C 309 9.92 3.99 -14.77
N SER C 310 10.36 4.33 -13.56
CA SER C 310 11.73 4.80 -13.37
C SER C 310 12.17 4.54 -11.94
N ASN C 311 13.48 4.35 -11.78
CA ASN C 311 14.11 4.18 -10.48
C ASN C 311 14.96 5.38 -10.09
N ALA C 312 14.80 6.51 -10.76
CA ALA C 312 15.66 7.67 -10.57
C ALA C 312 15.34 8.36 -9.25
N PRO C 313 16.35 8.96 -8.60
CA PRO C 313 16.09 9.72 -7.39
C PRO C 313 15.35 11.02 -7.68
N MET C 314 14.49 11.42 -6.76
CA MET C 314 13.74 12.66 -6.89
C MET C 314 14.60 13.83 -6.43
N ASN C 315 14.74 14.83 -7.30
CA ASN C 315 15.47 16.06 -6.98
C ASN C 315 14.50 17.22 -7.10
N GLU C 316 14.97 18.42 -6.71
CA GLU C 316 14.21 19.65 -6.85
C GLU C 316 14.90 20.50 -7.91
N CYS C 317 14.51 20.33 -9.17
CA CYS C 317 15.10 21.09 -10.26
C CYS C 317 14.00 21.93 -10.89
N ASP C 318 14.34 22.56 -12.00
CA ASP C 318 13.38 22.85 -13.05
C ASP C 318 13.89 22.31 -14.38
N ALA C 319 12.97 21.80 -15.17
CA ALA C 319 13.33 21.18 -16.43
C ALA C 319 12.31 21.63 -17.46
N LYS C 320 12.47 21.12 -18.68
CA LYS C 320 11.43 21.20 -19.69
C LYS C 320 11.06 19.84 -20.25
N CYS C 321 11.96 18.87 -20.17
CA CYS C 321 11.77 17.53 -20.67
C CYS C 321 11.96 16.54 -19.52
N GLN C 322 11.51 15.31 -19.73
CA GLN C 322 11.69 14.26 -18.73
C GLN C 322 11.62 12.89 -19.37
N THR C 323 12.59 12.05 -19.05
CA THR C 323 12.67 10.66 -19.46
C THR C 323 12.77 9.79 -18.22
N PRO C 324 12.49 8.48 -18.34
CA PRO C 324 12.72 7.58 -17.19
C PRO C 324 14.17 7.45 -16.73
N GLN C 325 15.14 7.94 -17.49
CA GLN C 325 16.52 7.94 -17.02
C GLN C 325 16.94 9.29 -16.46
N GLY C 326 16.23 10.36 -16.78
CA GLY C 326 16.56 11.66 -16.26
C GLY C 326 16.11 12.77 -17.18
N ALA C 327 16.06 13.97 -16.63
CA ALA C 327 15.58 15.12 -17.38
C ALA C 327 16.60 15.58 -18.40
N ILE C 328 16.14 16.41 -19.34
CA ILE C 328 16.96 16.90 -20.43
C ILE C 328 16.86 18.41 -20.50
N ASN C 329 18.00 19.09 -20.44
CA ASN C 329 18.09 20.53 -20.62
C ASN C 329 18.97 20.78 -21.84
N SER C 330 18.34 20.96 -23.00
CA SER C 330 19.09 21.19 -24.23
C SER C 330 18.20 21.90 -25.24
N SER C 331 18.84 22.39 -26.29
CA SER C 331 18.17 22.97 -27.45
C SER C 331 18.44 22.20 -28.72
N LEU C 332 19.09 21.05 -28.63
CA LEU C 332 19.44 20.27 -29.80
C LEU C 332 18.19 19.56 -30.35
N PRO C 333 18.19 19.24 -31.64
CA PRO C 333 16.98 18.64 -32.23
C PRO C 333 16.69 17.22 -31.78
N PHE C 334 17.69 16.34 -31.72
CA PHE C 334 17.45 14.92 -31.48
C PHE C 334 18.03 14.50 -30.13
N GLN C 335 17.93 13.20 -29.85
CA GLN C 335 18.37 12.65 -28.57
C GLN C 335 18.65 11.16 -28.72
N ASN C 336 19.32 10.59 -27.71
CA ASN C 336 19.55 9.15 -27.63
C ASN C 336 19.06 8.52 -26.35
N VAL C 337 18.48 9.29 -25.42
CA VAL C 337 18.32 8.82 -24.05
C VAL C 337 17.21 7.78 -23.94
N HIS C 338 15.98 8.17 -24.28
CA HIS C 338 14.85 7.26 -24.13
C HIS C 338 13.74 7.75 -25.05
N PRO C 339 12.97 6.84 -25.64
CA PRO C 339 11.84 7.28 -26.47
C PRO C 339 10.68 7.82 -25.68
N VAL C 340 10.49 7.37 -24.45
CA VAL C 340 9.37 7.82 -23.63
C VAL C 340 9.73 9.17 -23.03
N THR C 341 9.13 10.24 -23.54
CA THR C 341 9.40 11.59 -23.07
C THR C 341 8.10 12.25 -22.62
N ILE C 342 8.23 13.21 -21.71
CA ILE C 342 7.11 13.99 -21.22
C ILE C 342 7.53 15.46 -21.16
N GLY C 343 6.79 16.31 -21.85
CA GLY C 343 7.16 17.71 -22.00
C GLY C 343 7.69 17.99 -23.39
N GLU C 344 8.07 19.25 -23.62
CA GLU C 344 8.65 19.58 -24.90
C GLU C 344 10.11 19.12 -24.94
N CYS C 345 10.41 18.24 -25.88
CA CYS C 345 11.57 17.37 -25.83
C CYS C 345 12.20 17.22 -27.21
N PRO C 346 13.46 16.85 -27.27
CA PRO C 346 14.03 16.41 -28.55
C PRO C 346 13.40 15.11 -29.02
N LYS C 347 13.68 14.78 -30.28
CA LYS C 347 13.11 13.61 -30.93
C LYS C 347 14.07 12.43 -30.82
N TYR C 348 13.53 11.24 -30.60
CA TYR C 348 14.37 10.07 -30.36
C TYR C 348 14.82 9.45 -31.68
N VAL C 349 16.13 9.27 -31.82
CA VAL C 349 16.73 8.53 -32.91
C VAL C 349 17.65 7.48 -32.31
N ARG C 350 17.74 6.32 -32.96
CA ARG C 350 18.61 5.24 -32.48
C ARG C 350 20.01 5.36 -33.08
N SER C 351 20.59 6.55 -32.92
CA SER C 351 21.87 6.90 -33.51
C SER C 351 22.89 7.19 -32.42
N THR C 352 24.16 7.26 -32.84
CA THR C 352 25.24 7.64 -31.95
C THR C 352 26.05 8.82 -32.45
N LYS C 353 26.03 9.11 -33.76
CA LYS C 353 26.86 10.14 -34.35
C LYS C 353 26.07 10.80 -35.47
N LEU C 354 25.69 12.05 -35.27
CA LEU C 354 24.88 12.75 -36.26
C LEU C 354 25.24 14.22 -36.23
N ARG C 355 26.15 14.64 -37.12
CA ARG C 355 26.62 16.00 -37.20
C ARG C 355 26.35 16.55 -38.59
N MET C 356 25.99 17.83 -38.64
CA MET C 356 25.82 18.55 -39.89
C MET C 356 26.99 19.49 -40.06
N VAL C 357 27.66 19.42 -41.22
CA VAL C 357 28.86 20.21 -41.46
C VAL C 357 28.48 21.66 -41.70
N THR C 358 29.33 22.58 -41.24
CA THR C 358 29.13 24.01 -41.42
C THR C 358 30.13 24.62 -42.38
N GLY C 359 31.40 24.26 -42.28
CA GLY C 359 32.44 24.89 -43.08
C GLY C 359 33.10 23.92 -44.02
N LEU C 360 34.18 24.40 -44.64
CA LEU C 360 34.90 23.60 -45.63
C LEU C 360 35.67 22.48 -44.94
N ARG C 361 36.07 21.49 -45.73
CA ARG C 361 36.82 20.37 -45.17
C ARG C 361 38.32 20.60 -45.37
N ASN C 362 39.09 20.19 -44.37
CA ASN C 362 40.54 20.25 -44.42
C ASN C 362 41.08 18.87 -44.79
N ILE C 363 41.99 18.83 -45.75
CA ILE C 363 42.49 17.56 -46.25
C ILE C 363 43.56 17.00 -45.30
N VAL C 421 16.52 20.70 -41.29
CA VAL C 421 16.33 19.52 -40.45
C VAL C 421 14.98 19.63 -39.78
N ASN C 422 14.30 20.76 -40.00
CA ASN C 422 13.00 20.99 -39.39
C ASN C 422 11.91 20.20 -40.11
N SER C 423 12.22 19.68 -41.30
CA SER C 423 11.23 18.90 -42.04
C SER C 423 11.03 17.53 -41.43
N VAL C 424 11.99 17.04 -40.64
CA VAL C 424 11.82 15.76 -39.98
C VAL C 424 11.16 15.95 -38.62
N ILE C 425 11.52 17.02 -37.92
CA ILE C 425 10.99 17.27 -36.58
C ILE C 425 9.51 17.66 -36.65
N GLU C 426 9.09 18.30 -37.73
CA GLU C 426 7.68 18.63 -37.89
C GLU C 426 6.84 17.40 -38.17
N LYS C 427 7.46 16.33 -38.68
CA LYS C 427 6.72 15.19 -39.16
C LYS C 427 6.79 13.97 -38.26
N MET C 428 7.47 14.02 -37.12
CA MET C 428 7.49 12.84 -36.26
C MET C 428 6.18 12.71 -35.49
N ASN C 429 5.94 13.64 -34.56
CA ASN C 429 4.63 13.90 -33.93
C ASN C 429 4.03 12.70 -33.21
N THR C 430 4.84 11.70 -32.87
CA THR C 430 4.35 10.52 -32.17
C THR C 430 5.11 10.33 -30.87
N GLN C 431 4.41 9.85 -29.84
CA GLN C 431 4.98 9.66 -28.52
C GLN C 431 4.72 8.24 -28.06
N PHE C 432 5.78 7.58 -27.59
CA PHE C 432 5.74 6.17 -27.20
C PHE C 432 5.58 6.08 -25.69
N THR C 433 4.64 5.22 -25.25
CA THR C 433 4.34 5.09 -23.82
C THR C 433 4.53 3.65 -23.33
N ALA C 434 5.10 2.78 -24.15
CA ALA C 434 5.15 1.35 -23.85
C ALA C 434 6.34 1.04 -22.96
N VAL C 435 6.07 0.41 -21.81
CA VAL C 435 7.08 -0.05 -20.89
C VAL C 435 7.08 -1.58 -20.76
N GLY C 436 5.93 -2.21 -21.02
CA GLY C 436 5.73 -3.60 -20.69
C GLY C 436 4.63 -3.84 -19.68
N LYS C 437 4.10 -2.77 -19.08
CA LYS C 437 2.97 -2.84 -18.17
C LYS C 437 1.65 -2.58 -18.87
N GLU C 438 1.67 -2.43 -20.20
CA GLU C 438 0.49 -1.95 -20.91
C GLU C 438 -0.46 -3.09 -21.26
N PHE C 439 0.04 -4.32 -21.36
CA PHE C 439 -0.76 -5.43 -21.86
C PHE C 439 -0.69 -6.62 -20.92
N ASN C 440 -1.46 -7.66 -21.27
CA ASN C 440 -1.85 -8.72 -20.38
C ASN C 440 -1.12 -10.03 -20.69
N LYS C 441 -1.36 -11.04 -19.84
CA LYS C 441 -1.11 -12.44 -20.16
C LYS C 441 -1.77 -12.89 -21.44
N LEU C 442 -3.05 -12.59 -21.63
CA LEU C 442 -3.80 -13.05 -22.78
C LEU C 442 -3.91 -12.00 -23.88
N GLU C 443 -3.00 -11.03 -23.89
CA GLU C 443 -2.85 -10.10 -25.01
C GLU C 443 -1.38 -10.08 -25.40
N ARG C 444 -0.98 -11.04 -26.22
CA ARG C 444 0.35 -11.06 -26.80
C ARG C 444 0.36 -10.80 -28.29
N ARG C 445 -0.77 -11.00 -28.96
CA ARG C 445 -0.87 -10.64 -30.36
C ARG C 445 -1.00 -9.13 -30.52
N MET C 446 -1.49 -8.45 -29.48
CA MET C 446 -1.54 -7.00 -29.50
C MET C 446 -0.29 -6.39 -28.87
N GLU C 447 0.40 -7.14 -28.02
CA GLU C 447 1.67 -6.67 -27.47
C GLU C 447 2.77 -6.76 -28.52
N ASN C 448 2.78 -7.83 -29.31
CA ASN C 448 3.75 -7.95 -30.38
C ASN C 448 3.42 -7.02 -31.54
N LEU C 449 2.15 -6.62 -31.66
CA LEU C 449 1.78 -5.65 -32.67
C LEU C 449 2.17 -4.23 -32.25
N ASN C 450 2.09 -3.94 -30.96
CA ASN C 450 2.51 -2.64 -30.47
C ASN C 450 4.02 -2.50 -30.50
N LYS C 451 4.74 -3.61 -30.30
CA LYS C 451 6.20 -3.55 -30.35
C LYS C 451 6.69 -3.56 -31.79
N LYS C 452 5.86 -3.98 -32.73
CA LYS C 452 6.22 -3.90 -34.14
C LYS C 452 6.01 -2.50 -34.68
N VAL C 453 4.96 -1.83 -34.20
CA VAL C 453 4.66 -0.46 -34.64
C VAL C 453 5.65 0.51 -34.02
N ASP C 454 5.97 0.33 -32.74
CA ASP C 454 6.87 1.25 -32.03
C ASP C 454 8.30 1.12 -32.54
N ASP C 455 8.77 -0.10 -32.76
CA ASP C 455 10.12 -0.27 -33.27
C ASP C 455 10.19 -0.02 -34.77
N GLY C 456 9.05 -0.01 -35.45
CA GLY C 456 9.04 0.30 -36.86
C GLY C 456 9.15 1.79 -37.13
N PHE C 457 8.48 2.60 -36.30
CA PHE C 457 8.56 4.04 -36.46
C PHE C 457 9.86 4.61 -35.89
N LEU C 458 10.53 3.87 -35.03
CA LEU C 458 11.83 4.27 -34.50
C LEU C 458 12.96 3.93 -35.43
N ASP C 459 12.70 3.16 -36.48
CA ASP C 459 13.69 2.79 -37.47
C ASP C 459 13.45 3.44 -38.82
N ILE C 460 12.21 3.81 -39.13
CA ILE C 460 11.96 4.65 -40.29
C ILE C 460 12.45 6.06 -40.04
N TRP C 461 12.16 6.58 -38.84
CA TRP C 461 12.52 7.97 -38.55
C TRP C 461 13.97 8.11 -38.12
N THR C 462 14.66 7.00 -37.88
CA THR C 462 16.11 7.06 -37.70
C THR C 462 16.81 7.04 -39.04
N TYR C 463 16.29 6.26 -39.99
CA TYR C 463 16.84 6.26 -41.34
C TYR C 463 16.53 7.55 -42.06
N ASN C 464 15.38 8.16 -41.77
CA ASN C 464 15.02 9.43 -42.40
C ASN C 464 15.87 10.56 -41.86
N ALA C 465 16.17 10.55 -40.56
CA ALA C 465 16.97 11.61 -39.96
C ALA C 465 18.43 11.48 -40.32
N GLU C 466 18.91 10.24 -40.53
CA GLU C 466 20.31 10.05 -40.88
C GLU C 466 20.55 10.35 -42.35
N LEU C 467 19.60 10.02 -43.22
CA LEU C 467 19.78 10.25 -44.65
C LEU C 467 19.69 11.74 -44.97
N LEU C 468 18.87 12.49 -44.24
CA LEU C 468 18.79 13.93 -44.46
C LEU C 468 20.09 14.62 -44.02
N VAL C 469 20.77 14.07 -43.02
CA VAL C 469 22.09 14.57 -42.66
C VAL C 469 23.11 14.16 -43.71
N LEU C 470 22.98 12.94 -44.24
CA LEU C 470 23.90 12.48 -45.29
C LEU C 470 23.67 13.25 -46.60
N LEU C 471 22.43 13.62 -46.88
CA LEU C 471 22.15 14.42 -48.07
C LEU C 471 22.66 15.85 -47.91
N GLU C 472 22.45 16.45 -46.74
CA GLU C 472 22.83 17.84 -46.54
C GLU C 472 24.34 17.99 -46.37
N ASN C 473 25.05 16.89 -46.11
CA ASN C 473 26.49 16.99 -45.92
C ASN C 473 27.23 17.03 -47.25
N GLU C 474 26.73 16.33 -48.26
CA GLU C 474 27.41 16.36 -49.56
C GLU C 474 27.06 17.62 -50.33
N ARG C 475 25.88 18.19 -50.10
CA ARG C 475 25.53 19.42 -50.78
C ARG C 475 26.23 20.61 -50.15
N THR C 476 26.55 20.52 -48.85
CA THR C 476 27.30 21.58 -48.21
C THR C 476 28.75 21.58 -48.63
N LEU C 477 29.35 20.38 -48.76
CA LEU C 477 30.77 20.29 -49.04
C LEU C 477 31.08 20.63 -50.49
N ASP C 478 30.11 20.54 -51.38
CA ASP C 478 30.39 20.86 -52.78
C ASP C 478 29.88 22.24 -53.16
N PHE C 479 28.95 22.80 -52.38
CA PHE C 479 28.62 24.21 -52.56
C PHE C 479 29.72 25.08 -51.97
N HIS C 480 30.37 24.61 -50.90
CA HIS C 480 31.56 25.29 -50.41
C HIS C 480 32.74 25.12 -51.36
N ASP C 481 32.85 23.94 -51.99
CA ASP C 481 33.89 23.74 -52.99
C ASP C 481 33.45 24.19 -54.38
N SER C 482 32.28 24.83 -54.49
CA SER C 482 31.94 25.49 -55.75
C SER C 482 32.69 26.80 -55.88
N ASN C 483 32.73 27.59 -54.80
CA ASN C 483 33.24 28.96 -54.88
C ASN C 483 34.76 29.01 -54.79
N VAL C 484 35.42 27.87 -54.56
CA VAL C 484 36.88 27.87 -54.55
C VAL C 484 37.43 27.98 -55.97
N LYS C 485 36.61 27.67 -56.97
CA LYS C 485 37.11 27.74 -58.34
C LYS C 485 36.50 28.92 -59.09
N ASN C 486 35.42 29.50 -58.54
CA ASN C 486 35.00 30.83 -59.00
C ASN C 486 35.99 31.89 -58.55
N LEU C 487 36.61 31.69 -57.39
CA LEU C 487 37.61 32.62 -56.87
C LEU C 487 38.97 31.95 -56.82
#